data_5PHH
#
_entry.id   5PHH
#
_cell.length_a   71.443
_cell.length_b   71.443
_cell.length_c   150.548
_cell.angle_alpha   90.000
_cell.angle_beta   90.000
_cell.angle_gamma   90.000
#
_symmetry.space_group_name_H-M   'P 43 21 2'
#
loop_
_entity.id
_entity.type
_entity.pdbx_description
1 polymer 'Lysine-specific demethylase 4D'
2 non-polymer 'ZINC ION'
3 non-polymer 'NICKEL (II) ION'
4 non-polymer N-OXALYLGLYCINE
5 non-polymer 1,2-ETHANEDIOL
6 non-polymer 'SULFATE ION'
7 non-polymer L-DOPAMINE
8 water water
#
_entity_poly.entity_id   1
_entity_poly.type   'polypeptide(L)'
_entity_poly.pdbx_seq_one_letter_code
;MHHHHHHSSGVDLGTENLYFQSMETMKSKANCAQNPNCNIMIFHPTKEEFNDFDKYIAYMESQGAHRAGLAKIIPPKEWK
ARETYDNISEILIATPLQQVASGRAGVFTQYHKKKKAMTVGEYRHLANSKKYQTPPHQNFEDLERKYWKNRIYNSPIYGA
DISGSLFDENTKQWNLGHLGTIQDLLEKECGVVIEGVNTPYLYFGMWKTTFAWHTEDMDLYSINYLHLGEPKTWYVVPPE
HGQRLERLARELFPGSSRGCGAFLRHKVALISPTVLKENGIPFNRITQEAGEFMVTFPYGYHAGFNHGFNCAEAINFATP
RWIDYGKMASQCSCGEARVTFSMDAFVRILQPERYDLWKRGQDR
;
_entity_poly.pdbx_strand_id   A
#
loop_
_chem_comp.id
_chem_comp.type
_chem_comp.name
_chem_comp.formula
EDO non-polymer 1,2-ETHANEDIOL 'C2 H6 O2'
LDP non-polymer L-DOPAMINE 'C8 H11 N O2'
NI non-polymer 'NICKEL (II) ION' 'Ni 2'
OGA non-polymer N-OXALYLGLYCINE 'C4 H5 N O5'
SO4 non-polymer 'SULFATE ION' 'O4 S -2'
ZN non-polymer 'ZINC ION' 'Zn 2'
#
# COMPACT_ATOMS: atom_id res chain seq x y z
N ALA A 33 22.47 1.71 -17.40
CA ALA A 33 21.50 1.72 -16.32
C ALA A 33 20.38 0.71 -16.59
N GLN A 34 20.07 -0.09 -15.57
CA GLN A 34 19.09 -1.16 -15.74
C GLN A 34 17.66 -0.62 -15.72
N ASN A 35 16.79 -1.24 -16.52
CA ASN A 35 15.38 -0.88 -16.62
C ASN A 35 15.12 0.63 -16.81
N PRO A 36 15.69 1.23 -17.86
CA PRO A 36 15.58 2.67 -18.05
C PRO A 36 14.15 3.18 -18.34
N ASN A 37 13.28 2.33 -18.89
CA ASN A 37 11.89 2.71 -19.18
C ASN A 37 11.00 2.54 -17.93
N CYS A 38 11.58 2.04 -16.84
CA CYS A 38 10.88 1.91 -15.55
C CYS A 38 9.68 0.97 -15.64
N ASN A 39 9.85 -0.13 -16.36
CA ASN A 39 8.82 -1.15 -16.45
C ASN A 39 8.66 -1.96 -15.17
N ILE A 40 7.44 -2.38 -14.88
CA ILE A 40 7.21 -3.31 -13.78
C ILE A 40 7.81 -4.68 -14.13
N MET A 41 8.74 -5.13 -13.29
CA MET A 41 9.38 -6.42 -13.51
C MET A 41 8.73 -7.52 -12.67
N ILE A 42 8.74 -8.74 -13.22
CA ILE A 42 8.18 -9.91 -12.56
C ILE A 42 9.30 -10.91 -12.32
N PHE A 43 9.38 -11.43 -11.10
CA PHE A 43 10.46 -12.34 -10.72
C PHE A 43 9.94 -13.70 -10.31
N HIS A 44 10.70 -14.74 -10.66
CA HIS A 44 10.39 -16.12 -10.35
C HIS A 44 11.54 -16.78 -9.59
N PRO A 45 11.74 -16.42 -8.31
CA PRO A 45 12.85 -17.00 -7.55
C PRO A 45 12.75 -18.52 -7.36
N THR A 46 13.89 -19.18 -7.39
CA THR A 46 13.98 -20.59 -7.01
C THR A 46 13.80 -20.71 -5.50
N LYS A 47 13.54 -21.92 -5.01
CA LYS A 47 13.43 -22.10 -3.58
C LYS A 47 14.74 -21.74 -2.88
N GLU A 48 15.87 -21.96 -3.55
CA GLU A 48 17.15 -21.55 -2.98
C GLU A 48 17.24 -20.01 -2.86
N GLU A 49 16.81 -19.32 -3.91
CA GLU A 49 16.85 -17.86 -3.94
C GLU A 49 15.85 -17.24 -2.97
N PHE A 50 14.85 -18.02 -2.57
CA PHE A 50 13.76 -17.54 -1.71
C PHE A 50 14.11 -17.60 -0.23
N ASN A 51 15.30 -18.09 0.09
CA ASN A 51 15.68 -18.22 1.49
C ASN A 51 16.10 -16.92 2.17
N ASP A 52 16.86 -16.09 1.44
CA ASP A 52 17.41 -14.86 1.99
C ASP A 52 16.64 -13.65 1.43
N PHE A 53 15.70 -13.14 2.21
CA PHE A 53 14.85 -12.04 1.78
C PHE A 53 15.64 -10.79 1.36
N ASP A 54 16.50 -10.30 2.26
N ASP A 54 16.52 -10.31 2.24
CA ASP A 54 17.29 -9.10 1.98
CA ASP A 54 17.26 -9.09 1.98
C ASP A 54 18.09 -9.23 0.70
C ASP A 54 18.15 -9.20 0.74
N LYS A 55 18.71 -10.40 0.53
CA LYS A 55 19.57 -10.64 -0.63
C LYS A 55 18.76 -10.58 -1.92
N TYR A 56 17.55 -11.13 -1.89
CA TYR A 56 16.75 -11.13 -3.10
C TYR A 56 16.19 -9.74 -3.43
N ILE A 57 15.84 -8.94 -2.42
CA ILE A 57 15.46 -7.55 -2.67
C ILE A 57 16.62 -6.82 -3.36
N ALA A 58 17.82 -7.00 -2.82
CA ALA A 58 19.01 -6.41 -3.41
C ALA A 58 19.24 -6.90 -4.86
N TYR A 59 18.99 -8.19 -5.11
CA TYR A 59 19.10 -8.71 -6.47
C TYR A 59 18.12 -8.03 -7.42
N MET A 60 16.87 -7.89 -6.99
N MET A 60 16.86 -7.90 -7.00
CA MET A 60 15.86 -7.26 -7.82
CA MET A 60 15.87 -7.25 -7.85
C MET A 60 16.27 -5.83 -8.18
C MET A 60 16.29 -5.83 -8.21
N GLU A 61 16.83 -5.10 -7.23
CA GLU A 61 17.28 -3.74 -7.48
C GLU A 61 18.51 -3.71 -8.42
N SER A 62 19.36 -4.73 -8.34
CA SER A 62 20.50 -4.81 -9.25
C SER A 62 20.03 -4.93 -10.69
N GLN A 63 18.81 -5.43 -10.87
CA GLN A 63 18.24 -5.57 -12.21
C GLN A 63 17.35 -4.38 -12.58
N GLY A 64 17.28 -3.40 -11.68
CA GLY A 64 16.56 -2.16 -11.95
C GLY A 64 15.09 -2.17 -11.56
N ALA A 65 14.68 -3.16 -10.79
CA ALA A 65 13.24 -3.32 -10.48
C ALA A 65 12.66 -2.09 -9.80
N HIS A 66 13.44 -1.45 -8.92
CA HIS A 66 12.93 -0.32 -8.15
C HIS A 66 12.58 0.88 -9.01
N ARG A 67 13.13 0.97 -10.21
CA ARG A 67 12.84 2.12 -11.06
C ARG A 67 11.35 2.22 -11.40
N ALA A 68 10.66 1.08 -11.42
CA ALA A 68 9.22 1.07 -11.71
C ALA A 68 8.39 1.56 -10.55
N GLY A 69 8.91 1.40 -9.34
CA GLY A 69 8.13 1.68 -8.14
C GLY A 69 7.42 0.47 -7.54
N LEU A 70 7.33 -0.59 -8.33
CA LEU A 70 6.56 -1.77 -7.99
C LEU A 70 7.14 -2.98 -8.70
N ALA A 71 7.20 -4.12 -8.02
CA ALA A 71 7.60 -5.39 -8.64
C ALA A 71 6.67 -6.53 -8.20
N LYS A 72 6.51 -7.54 -9.06
CA LYS A 72 5.80 -8.77 -8.70
C LYS A 72 6.79 -9.90 -8.46
N ILE A 73 6.55 -10.66 -7.40
CA ILE A 73 7.37 -11.84 -7.11
C ILE A 73 6.47 -13.07 -6.98
N ILE A 74 6.71 -14.03 -7.86
CA ILE A 74 5.95 -15.27 -7.86
C ILE A 74 6.76 -16.31 -7.05
N PRO A 75 6.18 -16.82 -5.95
CA PRO A 75 6.93 -17.76 -5.08
C PRO A 75 7.23 -19.05 -5.81
N PRO A 76 8.34 -19.71 -5.44
CA PRO A 76 8.59 -21.04 -6.00
C PRO A 76 7.42 -21.98 -5.74
N LYS A 77 7.21 -22.95 -6.63
CA LYS A 77 6.05 -23.81 -6.58
C LYS A 77 6.00 -24.66 -5.32
N GLU A 78 7.15 -24.87 -4.69
CA GLU A 78 7.26 -25.68 -3.47
C GLU A 78 6.77 -24.94 -2.23
N TRP A 79 6.56 -23.63 -2.34
CA TRP A 79 6.28 -22.78 -1.19
C TRP A 79 4.80 -22.61 -0.93
N LYS A 80 4.42 -22.45 0.34
CA LYS A 80 3.06 -22.04 0.67
C LYS A 80 3.03 -21.18 1.93
N ALA A 81 2.06 -20.27 2.00
CA ALA A 81 1.95 -19.36 3.14
C ALA A 81 1.38 -20.07 4.37
N ARG A 82 0.42 -20.95 4.14
CA ARG A 82 -0.18 -21.75 5.21
C ARG A 82 -0.90 -22.94 4.56
N GLU A 83 -1.33 -23.90 5.37
CA GLU A 83 -1.94 -25.12 4.84
C GLU A 83 -3.28 -24.87 4.14
N THR A 84 -4.22 -24.25 4.85
CA THR A 84 -5.50 -23.89 4.23
C THR A 84 -6.02 -22.58 4.81
N TYR A 85 -7.04 -22.02 4.15
CA TYR A 85 -7.71 -20.83 4.66
C TYR A 85 -9.11 -21.19 5.13
N ASP A 86 -9.31 -22.46 5.46
N ASP A 86 -9.24 -22.43 5.60
CA ASP A 86 -10.66 -22.97 5.72
CA ASP A 86 -10.50 -23.00 6.06
C ASP A 86 -11.21 -22.49 7.06
C ASP A 86 -11.26 -22.17 7.10
N ASN A 87 -10.39 -21.80 7.84
N ASN A 87 -10.61 -21.91 8.23
CA ASN A 87 -10.79 -21.40 9.18
CA ASN A 87 -11.31 -21.26 9.34
C ASN A 87 -10.62 -19.91 9.50
C ASN A 87 -10.84 -19.84 9.58
N ILE A 88 -10.87 -19.03 8.53
CA ILE A 88 -10.60 -17.60 8.70
C ILE A 88 -11.86 -16.77 8.95
N SER A 89 -13.02 -17.43 8.92
CA SER A 89 -14.28 -16.71 9.02
C SER A 89 -14.53 -16.03 10.37
N GLU A 90 -13.78 -16.43 11.40
CA GLU A 90 -14.04 -15.87 12.74
CA GLU A 90 -14.01 -15.90 12.75
C GLU A 90 -13.17 -14.66 13.05
N ILE A 91 -12.26 -14.31 12.14
CA ILE A 91 -11.52 -13.06 12.28
C ILE A 91 -12.53 -11.92 12.31
N LEU A 92 -12.31 -10.94 13.21
CA LEU A 92 -13.21 -9.79 13.30
C LEU A 92 -12.67 -8.56 12.57
N ILE A 93 -13.52 -7.97 11.76
CA ILE A 93 -13.27 -6.63 11.22
C ILE A 93 -13.98 -5.65 12.16
N ALA A 94 -13.22 -5.10 13.10
CA ALA A 94 -13.81 -4.22 14.12
C ALA A 94 -14.43 -2.95 13.54
N THR A 95 -13.79 -2.39 12.53
CA THR A 95 -14.26 -1.13 11.94
C THR A 95 -14.21 -1.20 10.40
N PRO A 96 -15.21 -1.86 9.80
CA PRO A 96 -15.32 -1.86 8.34
C PRO A 96 -15.48 -0.43 7.84
N LEU A 97 -14.91 -0.11 6.68
CA LEU A 97 -14.98 1.26 6.17
C LEU A 97 -15.76 1.33 4.86
N GLN A 98 -16.83 2.13 4.84
CA GLN A 98 -17.58 2.35 3.60
C GLN A 98 -16.92 3.48 2.85
N GLN A 99 -16.50 3.21 1.62
CA GLN A 99 -15.71 4.16 0.85
C GLN A 99 -16.57 4.99 -0.07
N VAL A 100 -16.95 6.19 0.39
CA VAL A 100 -17.87 7.05 -0.34
C VAL A 100 -17.13 8.07 -1.22
N ALA A 101 -17.48 8.12 -2.52
CA ALA A 101 -16.74 8.96 -3.47
C ALA A 101 -17.43 10.29 -3.77
N SER A 102 -16.62 11.29 -4.10
CA SER A 102 -17.09 12.61 -4.56
C SER A 102 -16.22 13.10 -5.69
N GLY A 103 -16.82 13.66 -6.74
CA GLY A 103 -16.04 14.20 -7.85
C GLY A 103 -16.57 13.70 -9.18
N ARG A 104 -15.66 13.42 -10.10
N ARG A 104 -15.68 13.41 -10.12
CA ARG A 104 -16.02 12.86 -11.40
CA ARG A 104 -16.11 12.79 -11.36
C ARG A 104 -15.35 11.51 -11.57
C ARG A 104 -15.53 11.41 -11.45
N ALA A 105 -15.78 10.75 -12.57
CA ALA A 105 -15.34 9.36 -12.73
C ALA A 105 -13.83 9.19 -12.70
N GLY A 106 -13.12 10.11 -13.34
CA GLY A 106 -11.68 9.98 -13.47
C GLY A 106 -10.87 10.76 -12.43
N VAL A 107 -11.56 11.58 -11.64
CA VAL A 107 -10.91 12.44 -10.63
C VAL A 107 -11.84 12.60 -9.45
N PHE A 108 -11.57 11.85 -8.39
CA PHE A 108 -12.45 11.88 -7.24
C PHE A 108 -11.68 11.69 -5.93
N THR A 109 -12.33 12.05 -4.83
CA THR A 109 -11.80 11.69 -3.53
C THR A 109 -12.74 10.69 -2.90
N GLN A 110 -12.26 9.97 -1.89
CA GLN A 110 -13.13 9.08 -1.14
C GLN A 110 -12.95 9.31 0.36
N TYR A 111 -14.06 9.26 1.08
CA TYR A 111 -13.94 9.32 2.52
C TYR A 111 -14.45 8.03 3.11
N HIS A 112 -13.97 7.71 4.31
CA HIS A 112 -14.27 6.45 4.94
C HIS A 112 -15.30 6.63 6.04
N LYS A 113 -16.46 6.05 5.84
CA LYS A 113 -17.54 6.05 6.83
C LYS A 113 -17.47 4.77 7.67
N LYS A 114 -17.33 4.90 8.98
CA LYS A 114 -17.22 3.73 9.84
C LYS A 114 -18.53 2.98 9.97
N LYS A 115 -18.47 1.65 9.87
CA LYS A 115 -19.65 0.80 9.96
C LYS A 115 -19.51 -0.11 11.18
N LYS A 116 -20.60 -0.76 11.56
CA LYS A 116 -20.54 -1.67 12.70
C LYS A 116 -19.68 -2.89 12.40
N ALA A 117 -19.10 -3.46 13.47
CA ALA A 117 -18.20 -4.60 13.33
C ALA A 117 -18.87 -5.82 12.67
N MET A 118 -18.09 -6.57 11.90
N MET A 118 -18.09 -6.55 11.87
CA MET A 118 -18.58 -7.83 11.36
CA MET A 118 -18.55 -7.80 11.25
C MET A 118 -17.45 -8.83 11.21
C MET A 118 -17.43 -8.83 11.27
N THR A 119 -17.78 -10.12 11.24
CA THR A 119 -16.75 -11.15 11.06
C THR A 119 -16.38 -11.24 9.59
N VAL A 120 -15.26 -11.88 9.31
CA VAL A 120 -14.85 -12.11 7.93
C VAL A 120 -15.92 -12.96 7.22
N GLY A 121 -16.56 -13.88 7.94
CA GLY A 121 -17.64 -14.66 7.36
C GLY A 121 -18.80 -13.79 6.90
N GLU A 122 -19.19 -12.86 7.75
CA GLU A 122 -20.27 -11.94 7.42
C GLU A 122 -19.85 -11.02 6.28
N TYR A 123 -18.60 -10.56 6.31
CA TYR A 123 -18.09 -9.67 5.28
C TYR A 123 -18.07 -10.36 3.90
N ARG A 124 -17.61 -11.61 3.88
CA ARG A 124 -17.55 -12.39 2.64
C ARG A 124 -18.95 -12.55 2.03
N HIS A 125 -19.92 -12.87 2.88
CA HIS A 125 -21.30 -12.95 2.44
C HIS A 125 -21.80 -11.63 1.83
N LEU A 126 -21.45 -10.53 2.48
CA LEU A 126 -21.84 -9.21 2.00
C LEU A 126 -21.19 -8.91 0.65
N ALA A 127 -19.90 -9.22 0.52
CA ALA A 127 -19.16 -9.03 -0.73
C ALA A 127 -19.81 -9.77 -1.89
N ASN A 128 -20.37 -10.93 -1.60
CA ASN A 128 -20.93 -11.79 -2.65
C ASN A 128 -22.43 -11.51 -2.89
N SER A 129 -23.01 -10.58 -2.14
CA SER A 129 -24.43 -10.25 -2.28
C SER A 129 -24.69 -9.48 -3.57
N LYS A 130 -25.94 -9.42 -4.01
CA LYS A 130 -26.23 -8.77 -5.29
C LYS A 130 -25.79 -7.31 -5.32
N LYS A 131 -25.90 -6.63 -4.19
CA LYS A 131 -25.56 -5.22 -4.09
C LYS A 131 -24.06 -4.96 -4.34
N TYR A 132 -23.21 -5.90 -3.92
CA TYR A 132 -21.78 -5.64 -3.88
C TYR A 132 -20.91 -6.53 -4.79
N GLN A 133 -21.48 -7.59 -5.34
N GLN A 133 -21.47 -7.59 -5.33
CA GLN A 133 -20.70 -8.58 -6.09
CA GLN A 133 -20.70 -8.58 -6.07
C GLN A 133 -20.15 -8.03 -7.40
C GLN A 133 -20.18 -8.08 -7.41
N THR A 134 -19.01 -8.59 -7.80
CA THR A 134 -18.42 -8.33 -9.11
C THR A 134 -19.41 -8.58 -10.25
N PRO A 135 -19.53 -7.63 -11.18
CA PRO A 135 -20.45 -7.81 -12.31
C PRO A 135 -19.90 -8.78 -13.34
N PRO A 136 -20.77 -9.34 -14.19
CA PRO A 136 -20.29 -10.12 -15.33
C PRO A 136 -19.31 -9.30 -16.15
N HIS A 137 -18.26 -9.94 -16.65
CA HIS A 137 -17.23 -9.26 -17.42
C HIS A 137 -16.47 -10.26 -18.28
N GLN A 138 -15.84 -9.77 -19.34
CA GLN A 138 -15.12 -10.63 -20.29
C GLN A 138 -13.72 -11.03 -19.83
N ASN A 139 -13.01 -10.09 -19.21
CA ASN A 139 -11.63 -10.29 -18.80
C ASN A 139 -11.18 -9.16 -17.87
N PHE A 140 -9.91 -9.12 -17.49
CA PHE A 140 -9.42 -8.07 -16.57
C PHE A 140 -9.62 -6.67 -17.17
N GLU A 141 -9.41 -6.54 -18.48
CA GLU A 141 -9.49 -5.24 -19.14
C GLU A 141 -10.92 -4.69 -19.13
N ASP A 142 -11.88 -5.58 -19.37
CA ASP A 142 -13.29 -5.23 -19.32
C ASP A 142 -13.66 -4.76 -17.92
N LEU A 143 -13.17 -5.50 -16.93
CA LEU A 143 -13.51 -5.18 -15.55
C LEU A 143 -12.86 -3.85 -15.13
N GLU A 144 -11.63 -3.60 -15.60
CA GLU A 144 -10.96 -2.32 -15.37
C GLU A 144 -11.75 -1.15 -15.96
N ARG A 145 -12.26 -1.31 -17.18
N ARG A 145 -12.25 -1.32 -17.18
CA ARG A 145 -13.11 -0.29 -17.77
CA ARG A 145 -13.12 -0.33 -17.81
C ARG A 145 -14.36 -0.03 -16.92
C ARG A 145 -14.36 -0.04 -16.95
N LYS A 146 -14.98 -1.11 -16.46
CA LYS A 146 -16.18 -0.96 -15.63
C LYS A 146 -15.84 -0.27 -14.30
N TYR A 147 -14.68 -0.58 -13.73
CA TYR A 147 -14.26 0.08 -12.50
C TYR A 147 -14.19 1.60 -12.70
N TRP A 148 -13.45 2.06 -13.71
CA TRP A 148 -13.25 3.51 -13.83
C TRP A 148 -14.50 4.22 -14.32
N LYS A 149 -15.35 3.50 -15.04
CA LYS A 149 -16.61 4.08 -15.47
C LYS A 149 -17.59 4.26 -14.30
N ASN A 150 -17.64 3.27 -13.41
CA ASN A 150 -18.74 3.17 -12.47
C ASN A 150 -18.39 3.26 -10.97
N ARG A 151 -17.09 3.33 -10.64
CA ARG A 151 -16.68 3.33 -9.23
C ARG A 151 -17.40 4.37 -8.37
N ILE A 152 -17.53 5.60 -8.88
CA ILE A 152 -18.03 6.65 -8.00
C ILE A 152 -19.51 6.48 -7.63
N TYR A 153 -20.24 5.65 -8.36
CA TYR A 153 -21.68 5.50 -8.13
C TYR A 153 -22.03 4.43 -7.10
N ASN A 154 -21.00 3.88 -6.47
CA ASN A 154 -21.16 2.85 -5.44
C ASN A 154 -20.26 3.14 -4.26
N SER A 155 -20.58 2.55 -3.12
CA SER A 155 -19.76 2.75 -1.92
C SER A 155 -19.43 1.43 -1.27
N PRO A 156 -18.39 0.75 -1.80
CA PRO A 156 -18.03 -0.57 -1.29
C PRO A 156 -17.46 -0.48 0.13
N ILE A 157 -17.46 -1.61 0.84
CA ILE A 157 -17.00 -1.63 2.22
C ILE A 157 -15.69 -2.40 2.28
N TYR A 158 -14.67 -1.81 2.92
N TYR A 158 -14.67 -1.87 2.94
CA TYR A 158 -13.29 -2.34 3.05
CA TYR A 158 -13.44 -2.65 3.01
C TYR A 158 -12.99 -2.73 4.50
C TYR A 158 -12.81 -2.70 4.39
N GLY A 159 -12.37 -3.89 4.72
CA GLY A 159 -11.80 -4.19 6.02
C GLY A 159 -10.31 -3.96 5.98
N ALA A 160 -9.87 -2.76 6.35
CA ALA A 160 -8.46 -2.39 6.18
C ALA A 160 -7.69 -2.22 7.48
N ASP A 161 -6.37 -2.38 7.37
CA ASP A 161 -5.46 -2.09 8.47
C ASP A 161 -5.83 -2.86 9.74
N ILE A 162 -6.01 -4.15 9.58
CA ILE A 162 -6.33 -5.02 10.70
C ILE A 162 -5.05 -5.69 11.17
N SER A 163 -4.57 -5.34 12.35
N SER A 163 -4.60 -5.36 12.37
CA SER A 163 -3.32 -5.93 12.83
CA SER A 163 -3.38 -5.93 12.90
C SER A 163 -3.46 -7.44 12.95
C SER A 163 -3.45 -7.46 13.00
N GLY A 164 -2.55 -8.16 12.32
CA GLY A 164 -2.57 -9.62 12.37
C GLY A 164 -1.81 -10.25 11.21
N SER A 165 -1.74 -11.58 11.21
CA SER A 165 -1.03 -12.30 10.15
C SER A 165 -1.75 -13.59 9.85
N LEU A 166 -1.71 -14.00 8.59
CA LEU A 166 -2.20 -15.32 8.22
C LEU A 166 -1.08 -16.28 7.80
N PHE A 167 0.18 -15.90 7.99
CA PHE A 167 1.27 -16.84 7.71
C PHE A 167 1.40 -17.86 8.82
N ASP A 168 1.57 -19.11 8.43
CA ASP A 168 1.85 -20.17 9.39
C ASP A 168 3.18 -19.86 10.07
N GLU A 169 3.25 -20.05 11.39
CA GLU A 169 4.50 -19.74 12.10
C GLU A 169 5.64 -20.59 11.56
N ASN A 170 5.31 -21.77 11.01
CA ASN A 170 6.34 -22.65 10.46
C ASN A 170 6.75 -22.33 9.03
N THR A 171 6.13 -21.32 8.43
CA THR A 171 6.58 -20.85 7.12
C THR A 171 7.82 -20.01 7.32
N LYS A 172 8.95 -20.49 6.80
CA LYS A 172 10.23 -19.85 7.09
C LYS A 172 10.63 -18.79 6.08
N GLN A 173 10.16 -18.93 4.84
CA GLN A 173 10.55 -18.03 3.76
C GLN A 173 9.46 -16.99 3.51
N TRP A 174 9.87 -15.72 3.42
CA TRP A 174 8.98 -14.61 3.05
C TRP A 174 7.70 -14.59 3.92
N ASN A 175 7.91 -14.82 5.21
CA ASN A 175 6.87 -14.74 6.21
C ASN A 175 6.81 -13.30 6.68
N LEU A 176 5.73 -12.59 6.34
CA LEU A 176 5.70 -11.15 6.57
C LEU A 176 5.61 -10.78 8.06
N GLY A 177 5.39 -11.77 8.92
CA GLY A 177 5.45 -11.55 10.35
C GLY A 177 6.82 -11.83 10.97
N HIS A 178 7.76 -12.28 10.14
CA HIS A 178 9.12 -12.61 10.62
C HIS A 178 10.21 -11.82 9.92
N LEU A 179 9.87 -10.64 9.39
CA LEU A 179 10.88 -9.81 8.76
C LEU A 179 11.69 -9.07 9.80
N GLY A 180 12.90 -8.66 9.40
CA GLY A 180 13.71 -7.77 10.21
C GLY A 180 13.00 -6.44 10.32
N THR A 181 13.10 -5.81 11.47
CA THR A 181 12.31 -4.61 11.73
C THR A 181 13.00 -3.35 11.20
N ILE A 182 12.20 -2.32 10.93
CA ILE A 182 12.75 -1.05 10.47
CA ILE A 182 12.80 -1.10 10.44
C ILE A 182 13.60 -0.41 11.55
N GLN A 183 13.22 -0.64 12.80
CA GLN A 183 13.99 -0.09 13.92
C GLN A 183 15.39 -0.73 13.96
N ASP A 184 15.46 -2.04 13.72
CA ASP A 184 16.76 -2.70 13.69
C ASP A 184 17.58 -2.28 12.46
N LEU A 185 16.92 -2.03 11.34
CA LEU A 185 17.63 -1.53 10.17
C LEU A 185 18.30 -0.18 10.48
N LEU A 186 17.54 0.74 11.06
N LEU A 186 17.53 0.73 11.08
CA LEU A 186 18.09 2.05 11.44
CA LEU A 186 18.04 2.05 11.43
C LEU A 186 19.26 1.90 12.39
C LEU A 186 19.21 1.94 12.42
N GLU A 187 19.12 1.00 13.36
CA GLU A 187 20.19 0.79 14.31
C GLU A 187 21.45 0.22 13.63
N LYS A 188 21.26 -0.76 12.74
CA LYS A 188 22.38 -1.34 12.03
C LYS A 188 23.07 -0.33 11.11
N GLU A 189 22.29 0.50 10.44
CA GLU A 189 22.84 1.48 9.49
C GLU A 189 23.42 2.73 10.15
N CYS A 190 22.75 3.21 11.19
N CYS A 190 22.76 3.27 11.17
CA CYS A 190 23.05 4.53 11.73
CA CYS A 190 23.22 4.55 11.71
C CYS A 190 23.45 4.53 13.20
C CYS A 190 23.49 4.53 13.21
N GLY A 191 23.40 3.35 13.83
CA GLY A 191 23.81 3.21 15.21
C GLY A 191 22.88 3.77 16.26
N VAL A 192 21.69 4.18 15.84
CA VAL A 192 20.73 4.75 16.75
CA VAL A 192 20.73 4.76 16.74
C VAL A 192 19.74 3.69 17.21
N VAL A 193 19.45 3.70 18.50
CA VAL A 193 18.53 2.75 19.08
C VAL A 193 17.24 3.49 19.39
N ILE A 194 16.11 2.96 18.90
CA ILE A 194 14.85 3.65 19.08
C ILE A 194 13.72 2.72 19.49
N GLU A 195 12.70 3.29 20.10
CA GLU A 195 11.47 2.58 20.42
C GLU A 195 10.67 2.28 19.15
N GLY A 196 9.68 1.41 19.28
CA GLY A 196 8.79 1.13 18.16
C GLY A 196 8.83 -0.31 17.70
N VAL A 197 7.69 -0.74 17.17
CA VAL A 197 7.58 -2.06 16.58
C VAL A 197 6.91 -1.90 15.23
N ASN A 198 6.90 -3.00 14.48
N ASN A 198 7.06 -2.88 14.35
CA ASN A 198 6.55 -3.05 13.06
CA ASN A 198 6.17 -2.87 13.21
C ASN A 198 5.82 -4.38 12.73
C ASN A 198 5.76 -4.28 12.93
N THR A 199 4.47 -4.40 12.69
CA THR A 199 3.79 -5.68 12.52
C THR A 199 2.90 -5.64 11.27
N PRO A 200 2.52 -6.81 10.75
CA PRO A 200 1.72 -6.78 9.51
C PRO A 200 0.26 -6.40 9.70
N TYR A 201 -0.39 -6.05 8.61
N TYR A 201 -0.37 -5.98 8.61
CA TYR A 201 -1.81 -5.74 8.61
CA TYR A 201 -1.80 -5.65 8.53
C TYR A 201 -2.55 -6.57 7.55
C TYR A 201 -2.52 -6.65 7.60
N LEU A 202 -3.78 -6.94 7.89
CA LEU A 202 -4.64 -7.67 6.96
C LEU A 202 -5.64 -6.71 6.30
N TYR A 203 -5.96 -7.00 5.05
CA TYR A 203 -6.91 -6.21 4.27
C TYR A 203 -7.94 -7.15 3.67
N PHE A 204 -9.21 -6.97 4.02
CA PHE A 204 -10.26 -7.76 3.37
C PHE A 204 -10.98 -6.86 2.39
N GLY A 205 -10.99 -7.23 1.11
CA GLY A 205 -11.58 -6.36 0.10
C GLY A 205 -12.78 -6.98 -0.60
N MET A 206 -13.49 -6.15 -1.35
CA MET A 206 -14.58 -6.61 -2.21
C MET A 206 -14.49 -5.82 -3.52
N TRP A 207 -15.36 -6.13 -4.48
CA TRP A 207 -15.40 -5.39 -5.74
C TRP A 207 -15.46 -3.88 -5.50
N LYS A 208 -14.59 -3.15 -6.23
CA LYS A 208 -14.49 -1.69 -6.23
C LYS A 208 -13.84 -1.09 -4.98
N THR A 209 -13.52 -1.90 -3.98
CA THR A 209 -12.73 -1.44 -2.87
CA THR A 209 -12.77 -1.32 -2.87
C THR A 209 -11.43 -0.81 -3.40
N THR A 210 -11.05 0.36 -2.88
CA THR A 210 -10.06 1.21 -3.53
C THR A 210 -8.94 1.67 -2.61
N PHE A 211 -7.68 1.61 -3.08
CA PHE A 211 -6.62 2.32 -2.36
C PHE A 211 -6.16 3.54 -3.16
N ALA A 212 -6.18 4.68 -2.49
CA ALA A 212 -5.91 5.96 -3.10
C ALA A 212 -4.42 6.14 -3.39
N TRP A 213 -4.08 7.13 -4.21
CA TRP A 213 -2.69 7.42 -4.57
C TRP A 213 -1.88 7.79 -3.34
N HIS A 214 -0.80 7.04 -3.10
CA HIS A 214 0.06 7.33 -1.94
C HIS A 214 1.44 6.70 -2.10
N THR A 215 2.40 7.22 -1.35
CA THR A 215 3.61 6.48 -1.01
C THR A 215 3.48 6.00 0.43
N GLU A 216 4.40 5.13 0.85
CA GLU A 216 4.34 4.61 2.22
C GLU A 216 4.75 5.66 3.23
N ASP A 217 4.38 5.46 4.49
CA ASP A 217 4.99 6.26 5.55
C ASP A 217 6.50 6.12 5.40
N MET A 218 6.94 7.38 5.47
N MET A 218 6.99 7.36 5.48
CA MET A 218 8.32 7.80 5.53
CA MET A 218 8.40 7.74 5.54
C MET A 218 8.96 7.35 4.26
C MET A 218 9.00 7.40 4.22
N ASP A 219 8.14 7.36 3.20
CA ASP A 219 8.57 6.65 1.95
C ASP A 219 9.31 5.30 2.09
N LEU A 220 8.81 4.47 3.02
CA LEU A 220 9.30 3.10 3.17
C LEU A 220 8.96 2.17 1.99
N TYR A 221 9.56 0.97 1.97
CA TYR A 221 9.05 -0.08 1.10
C TYR A 221 7.77 -0.64 1.68
N SER A 222 6.98 -1.31 0.86
CA SER A 222 5.95 -2.20 1.39
CA SER A 222 5.94 -2.20 1.37
C SER A 222 6.03 -3.53 0.65
N ILE A 223 5.57 -4.58 1.31
CA ILE A 223 5.40 -5.86 0.66
C ILE A 223 3.99 -6.34 0.97
N ASN A 224 3.34 -6.87 -0.06
CA ASN A 224 1.94 -7.22 -0.01
C ASN A 224 1.76 -8.63 -0.56
N TYR A 225 1.18 -9.53 0.23
CA TYR A 225 0.86 -10.89 -0.22
C TYR A 225 -0.65 -11.06 -0.34
N LEU A 226 -1.11 -11.50 -1.51
CA LEU A 226 -2.54 -11.74 -1.71
C LEU A 226 -2.83 -13.19 -1.30
N HIS A 227 -3.38 -13.37 -0.09
CA HIS A 227 -3.58 -14.71 0.47
C HIS A 227 -4.62 -15.53 -0.28
N LEU A 228 -5.72 -14.89 -0.64
N LEU A 228 -5.70 -14.88 -0.66
CA LEU A 228 -6.93 -15.61 -1.03
CA LEU A 228 -6.81 -15.59 -1.24
C LEU A 228 -7.94 -14.73 -1.77
C LEU A 228 -7.73 -14.68 -2.02
N GLY A 229 -8.61 -15.29 -2.78
CA GLY A 229 -9.70 -14.59 -3.44
C GLY A 229 -9.38 -13.97 -4.78
N GLU A 230 -10.13 -12.92 -5.10
CA GLU A 230 -10.08 -12.30 -6.42
C GLU A 230 -8.90 -11.32 -6.52
N PRO A 231 -8.51 -10.96 -7.76
CA PRO A 231 -7.30 -10.14 -7.91
C PRO A 231 -7.37 -8.71 -7.38
N LYS A 232 -6.20 -8.09 -7.41
CA LYS A 232 -6.01 -6.69 -7.07
CA LYS A 232 -6.03 -6.68 -7.10
C LYS A 232 -5.24 -6.02 -8.21
N THR A 233 -5.79 -4.95 -8.78
CA THR A 233 -5.08 -4.23 -9.85
C THR A 233 -4.36 -3.02 -9.25
N TRP A 234 -3.09 -2.86 -9.64
CA TRP A 234 -2.22 -1.79 -9.16
C TRP A 234 -1.86 -0.82 -10.29
N TYR A 235 -1.75 0.46 -9.93
CA TYR A 235 -1.15 1.50 -10.78
C TYR A 235 0.03 2.09 -10.05
N VAL A 236 1.10 2.44 -10.75
CA VAL A 236 2.29 2.93 -10.07
C VAL A 236 3.04 3.97 -10.90
N VAL A 237 3.55 5.00 -10.24
CA VAL A 237 4.41 6.01 -10.88
C VAL A 237 5.86 5.77 -10.47
N PRO A 238 6.80 5.75 -11.45
CA PRO A 238 8.22 5.56 -11.12
C PRO A 238 8.66 6.59 -10.08
N PRO A 239 9.45 6.19 -9.08
CA PRO A 239 9.92 7.14 -8.07
C PRO A 239 10.61 8.38 -8.67
N GLU A 240 11.35 8.20 -9.76
CA GLU A 240 12.05 9.35 -10.33
C GLU A 240 11.07 10.37 -10.93
N HIS A 241 9.79 10.01 -11.05
CA HIS A 241 8.78 10.93 -11.59
C HIS A 241 7.65 11.24 -10.61
N GLY A 242 7.84 10.90 -9.33
CA GLY A 242 6.80 11.13 -8.35
C GLY A 242 6.35 12.58 -8.26
N GLN A 243 7.27 13.52 -8.43
CA GLN A 243 6.91 14.92 -8.30
CA GLN A 243 6.94 14.94 -8.32
C GLN A 243 5.95 15.36 -9.41
N ARG A 244 5.98 14.68 -10.55
CA ARG A 244 5.03 14.97 -11.63
C ARG A 244 3.61 14.64 -11.18
N LEU A 245 3.45 13.52 -10.49
CA LEU A 245 2.12 13.18 -9.97
C LEU A 245 1.67 14.18 -8.91
N GLU A 246 2.58 14.60 -8.03
CA GLU A 246 2.26 15.59 -7.00
C GLU A 246 1.78 16.91 -7.63
N ARG A 247 2.49 17.37 -8.64
CA ARG A 247 2.11 18.60 -9.34
CA ARG A 247 2.12 18.59 -9.35
C ARG A 247 0.71 18.46 -9.96
N LEU A 248 0.42 17.32 -10.57
CA LEU A 248 -0.92 17.14 -11.15
C LEU A 248 -1.98 17.11 -10.06
N ALA A 249 -1.69 16.42 -8.96
CA ALA A 249 -2.64 16.36 -7.86
C ALA A 249 -2.97 17.76 -7.32
N ARG A 250 -1.96 18.64 -7.26
N ARG A 250 -1.96 18.64 -7.25
N ARG A 250 -1.96 18.63 -7.25
CA ARG A 250 -2.20 20.00 -6.79
CA ARG A 250 -2.22 20.00 -6.77
CA ARG A 250 -2.15 20.01 -6.82
C ARG A 250 -3.12 20.77 -7.74
C ARG A 250 -3.17 20.72 -7.73
C ARG A 250 -3.14 20.72 -7.73
N GLU A 251 -3.04 20.46 -9.02
CA GLU A 251 -3.91 21.09 -10.02
C GLU A 251 -5.34 20.52 -9.94
N LEU A 252 -5.44 19.21 -9.74
CA LEU A 252 -6.74 18.53 -9.75
C LEU A 252 -7.52 18.64 -8.45
N PHE A 253 -6.82 18.87 -7.34
CA PHE A 253 -7.46 18.98 -6.02
C PHE A 253 -6.96 20.27 -5.37
N PRO A 254 -7.35 21.42 -5.92
CA PRO A 254 -6.67 22.66 -5.52
C PRO A 254 -6.95 23.10 -4.07
N GLY A 255 -8.17 22.92 -3.60
CA GLY A 255 -8.50 23.25 -2.22
C GLY A 255 -7.71 22.39 -1.24
N SER A 256 -7.67 21.10 -1.50
CA SER A 256 -6.90 20.17 -0.67
C SER A 256 -5.44 20.56 -0.60
N SER A 257 -4.89 20.95 -1.74
CA SER A 257 -3.49 21.32 -1.83
C SER A 257 -3.20 22.59 -1.03
N ARG A 258 -4.17 23.48 -0.92
CA ARG A 258 -3.98 24.69 -0.12
C ARG A 258 -3.99 24.37 1.37
N GLY A 259 -4.77 23.38 1.75
CA GLY A 259 -4.91 23.03 3.15
C GLY A 259 -3.72 22.27 3.73
N CYS A 260 -2.90 21.69 2.86
CA CYS A 260 -1.78 20.86 3.32
C CYS A 260 -0.70 20.72 2.25
N GLY A 261 0.56 20.87 2.66
CA GLY A 261 1.67 20.80 1.72
C GLY A 261 1.97 19.39 1.23
N ALA A 262 1.30 18.40 1.82
N ALA A 262 1.33 18.41 1.86
CA ALA A 262 1.50 17.01 1.42
CA ALA A 262 1.52 17.00 1.52
C ALA A 262 0.20 16.21 1.51
C ALA A 262 0.18 16.27 1.50
N PHE A 263 -0.86 16.71 0.87
N PHE A 263 -0.76 16.82 0.72
CA PHE A 263 -2.16 16.09 1.09
CA PHE A 263 -2.13 16.33 0.67
C PHE A 263 -2.29 14.68 0.51
C PHE A 263 -2.27 14.82 0.44
N LEU A 264 -1.38 14.26 -0.38
CA LEU A 264 -1.49 12.86 -0.80
C LEU A 264 -1.26 11.91 0.39
N ARG A 265 -0.59 12.40 1.44
CA ARG A 265 -0.48 11.67 2.72
C ARG A 265 -1.85 11.35 3.35
N HIS A 266 -2.90 12.06 2.95
CA HIS A 266 -4.22 11.79 3.51
C HIS A 266 -4.84 10.52 2.94
N LYS A 267 -4.29 10.08 1.80
CA LYS A 267 -4.71 8.87 1.11
C LYS A 267 -6.20 8.86 0.78
N VAL A 268 -6.65 9.92 0.11
CA VAL A 268 -8.05 10.00 -0.28
C VAL A 268 -8.27 10.33 -1.76
N ALA A 269 -7.19 10.55 -2.52
CA ALA A 269 -7.33 11.03 -3.91
C ALA A 269 -7.15 9.94 -4.96
N LEU A 270 -8.07 9.91 -5.94
CA LEU A 270 -7.95 8.99 -7.07
C LEU A 270 -7.92 9.76 -8.38
N ILE A 271 -7.03 9.30 -9.27
CA ILE A 271 -6.90 9.84 -10.62
C ILE A 271 -6.81 8.65 -11.55
N SER A 272 -7.63 8.62 -12.60
CA SER A 272 -7.68 7.45 -13.49
C SER A 272 -6.50 7.37 -14.46
N PRO A 273 -6.25 6.18 -15.02
CA PRO A 273 -5.21 6.07 -16.05
C PRO A 273 -5.49 6.98 -17.26
N THR A 274 -6.74 7.14 -17.64
CA THR A 274 -7.06 8.05 -18.73
C THR A 274 -6.61 9.48 -18.44
N VAL A 275 -6.90 9.96 -17.22
CA VAL A 275 -6.50 11.31 -16.85
C VAL A 275 -4.99 11.41 -16.72
N LEU A 276 -4.34 10.37 -16.18
CA LEU A 276 -2.89 10.38 -16.13
C LEU A 276 -2.28 10.50 -17.54
N LYS A 277 -2.80 9.72 -18.49
CA LYS A 277 -2.30 9.78 -19.87
C LYS A 277 -2.53 11.16 -20.49
N GLU A 278 -3.72 11.73 -20.25
CA GLU A 278 -4.04 13.07 -20.79
C GLU A 278 -3.06 14.13 -20.32
N ASN A 279 -2.50 13.92 -19.13
CA ASN A 279 -1.58 14.88 -18.52
C ASN A 279 -0.12 14.45 -18.58
N GLY A 280 0.16 13.40 -19.35
CA GLY A 280 1.52 12.96 -19.60
C GLY A 280 2.27 12.47 -18.38
N ILE A 281 1.56 11.92 -17.39
CA ILE A 281 2.21 11.35 -16.22
C ILE A 281 2.65 9.92 -16.51
N PRO A 282 3.93 9.62 -16.33
CA PRO A 282 4.39 8.26 -16.59
C PRO A 282 3.87 7.30 -15.52
N PHE A 283 3.29 6.17 -15.94
CA PHE A 283 2.83 5.18 -14.98
C PHE A 283 2.77 3.81 -15.62
N ASN A 284 2.59 2.79 -14.79
CA ASN A 284 2.39 1.43 -15.28
C ASN A 284 1.28 0.77 -14.48
N ARG A 285 0.75 -0.34 -15.00
CA ARG A 285 -0.29 -1.07 -14.29
C ARG A 285 -0.01 -2.57 -14.35
N ILE A 286 -0.50 -3.30 -13.35
CA ILE A 286 -0.36 -4.75 -13.30
C ILE A 286 -1.42 -5.32 -12.38
N THR A 287 -1.86 -6.55 -12.64
CA THR A 287 -2.84 -7.20 -11.77
C THR A 287 -2.17 -8.33 -10.99
N GLN A 288 -2.34 -8.29 -9.68
CA GLN A 288 -1.82 -9.28 -8.74
C GLN A 288 -2.90 -10.34 -8.49
N GLU A 289 -2.52 -11.61 -8.53
CA GLU A 289 -3.47 -12.68 -8.25
C GLU A 289 -3.10 -13.42 -6.96
N ALA A 290 -4.02 -14.23 -6.45
CA ALA A 290 -3.79 -14.95 -5.21
C ALA A 290 -2.50 -15.78 -5.31
N GLY A 291 -1.71 -15.74 -4.24
CA GLY A 291 -0.45 -16.47 -4.18
C GLY A 291 0.75 -15.68 -4.65
N GLU A 292 0.56 -14.41 -4.99
CA GLU A 292 1.66 -13.58 -5.48
C GLU A 292 1.97 -12.44 -4.53
N PHE A 293 3.26 -12.09 -4.47
CA PHE A 293 3.74 -10.93 -3.73
C PHE A 293 3.91 -9.72 -4.62
N MET A 294 3.62 -8.53 -4.08
CA MET A 294 4.06 -7.29 -4.71
C MET A 294 4.94 -6.55 -3.75
N VAL A 295 5.98 -5.91 -4.26
CA VAL A 295 6.80 -5.03 -3.45
C VAL A 295 6.72 -3.62 -4.02
N THR A 296 6.39 -2.64 -3.18
CA THR A 296 6.52 -1.24 -3.59
C THR A 296 7.82 -0.68 -3.04
N PHE A 297 8.45 0.18 -3.83
CA PHE A 297 9.78 0.71 -3.52
C PHE A 297 9.67 2.15 -3.01
N PRO A 298 10.70 2.62 -2.29
CA PRO A 298 10.62 3.98 -1.70
C PRO A 298 10.21 5.06 -2.69
N TYR A 299 9.19 5.83 -2.31
CA TYR A 299 8.67 6.96 -3.09
C TYR A 299 8.03 6.51 -4.40
N GLY A 300 7.60 5.25 -4.45
CA GLY A 300 6.78 4.77 -5.57
C GLY A 300 5.30 4.99 -5.29
N TYR A 301 4.72 6.03 -5.87
CA TYR A 301 3.28 6.29 -5.71
C TYR A 301 2.49 5.14 -6.31
N HIS A 302 1.47 4.66 -5.58
CA HIS A 302 0.63 3.60 -6.11
C HIS A 302 -0.82 3.75 -5.68
N ALA A 303 -1.73 3.14 -6.46
CA ALA A 303 -3.18 3.18 -6.23
C ALA A 303 -3.74 1.92 -6.84
N GLY A 304 -4.99 1.59 -6.54
CA GLY A 304 -5.55 0.40 -7.16
C GLY A 304 -6.90 0.00 -6.62
N PHE A 305 -7.37 -1.17 -7.03
CA PHE A 305 -8.70 -1.64 -6.62
C PHE A 305 -8.78 -3.15 -6.61
N ASN A 306 -9.73 -3.67 -5.84
CA ASN A 306 -9.95 -5.11 -5.76
C ASN A 306 -11.06 -5.57 -6.70
N HIS A 307 -10.91 -6.78 -7.23
CA HIS A 307 -11.83 -7.30 -8.23
C HIS A 307 -13.06 -7.96 -7.62
N GLY A 308 -12.97 -8.34 -6.34
CA GLY A 308 -13.99 -9.11 -5.65
C GLY A 308 -13.49 -9.47 -4.27
N PHE A 309 -14.18 -10.37 -3.58
CA PHE A 309 -13.75 -10.70 -2.22
C PHE A 309 -12.32 -11.22 -2.22
N ASN A 310 -11.49 -10.64 -1.36
CA ASN A 310 -10.13 -11.16 -1.20
C ASN A 310 -9.53 -10.77 0.16
N CYS A 311 -8.36 -11.31 0.42
CA CYS A 311 -7.64 -11.06 1.66
C CYS A 311 -6.18 -10.90 1.33
N ALA A 312 -5.62 -9.74 1.69
CA ALA A 312 -4.18 -9.49 1.52
C ALA A 312 -3.53 -9.15 2.86
N GLU A 313 -2.22 -9.36 2.93
CA GLU A 313 -1.42 -9.04 4.13
C GLU A 313 -0.27 -8.18 3.68
N ALA A 314 0.04 -7.13 4.44
CA ALA A 314 1.08 -6.21 4.01
C ALA A 314 1.83 -5.66 5.21
N ILE A 315 3.07 -5.24 4.99
CA ILE A 315 3.87 -4.65 6.04
C ILE A 315 4.91 -3.75 5.38
N ASN A 316 5.30 -2.68 6.08
CA ASN A 316 6.43 -1.88 5.62
C ASN A 316 7.76 -2.47 6.04
N PHE A 317 8.79 -2.22 5.23
CA PHE A 317 10.15 -2.61 5.62
C PHE A 317 11.16 -1.63 5.04
N ALA A 318 12.40 -1.76 5.50
CA ALA A 318 13.49 -0.87 5.07
C ALA A 318 14.70 -1.67 4.61
N THR A 319 15.53 -1.01 3.80
CA THR A 319 16.85 -1.50 3.40
C THR A 319 17.84 -0.34 3.59
N PRO A 320 19.14 -0.58 3.45
CA PRO A 320 20.04 0.58 3.54
C PRO A 320 19.73 1.68 2.52
N ARG A 321 19.26 1.31 1.33
CA ARG A 321 18.97 2.31 0.30
C ARG A 321 17.79 3.19 0.67
N TRP A 322 16.90 2.70 1.53
CA TRP A 322 15.77 3.52 1.98
C TRP A 322 16.17 4.77 2.77
N ILE A 323 17.27 4.70 3.52
CA ILE A 323 17.56 5.74 4.51
C ILE A 323 17.51 7.15 3.90
N ASP A 324 18.10 7.34 2.73
CA ASP A 324 18.10 8.66 2.09
C ASP A 324 16.69 9.11 1.73
N TYR A 325 15.81 8.18 1.36
CA TYR A 325 14.42 8.52 1.08
C TYR A 325 13.68 8.91 2.36
N GLY A 326 13.96 8.20 3.45
CA GLY A 326 13.35 8.55 4.72
C GLY A 326 13.71 9.97 5.16
N LYS A 327 14.96 10.36 4.93
CA LYS A 327 15.43 11.70 5.28
C LYS A 327 14.72 12.80 4.50
N MET A 328 14.28 12.47 3.29
CA MET A 328 13.70 13.46 2.38
C MET A 328 12.18 13.40 2.30
N ALA A 329 11.56 12.45 2.99
CA ALA A 329 10.12 12.26 2.86
C ALA A 329 9.31 13.49 3.26
N SER A 330 8.34 13.84 2.43
N SER A 330 8.33 13.85 2.44
CA SER A 330 7.40 14.90 2.77
CA SER A 330 7.45 14.98 2.77
C SER A 330 6.58 14.48 3.99
C SER A 330 6.37 14.58 3.76
N GLN A 331 6.07 15.45 4.72
CA GLN A 331 5.16 15.13 5.80
C GLN A 331 3.90 15.97 5.80
N CYS A 332 2.81 15.35 6.24
N CYS A 332 2.79 15.39 6.23
CA CYS A 332 1.56 16.03 6.56
CA CYS A 332 1.56 16.15 6.35
C CYS A 332 1.63 16.58 7.98
C CYS A 332 1.74 17.30 7.33
N SER A 333 1.40 17.88 8.12
N SER A 333 1.21 18.47 6.98
CA SER A 333 1.40 18.53 9.42
CA SER A 333 1.42 19.65 7.79
C SER A 333 0.09 19.30 9.66
C SER A 333 0.15 20.17 8.44
N CYS A 334 -0.82 19.30 8.67
CA CYS A 334 -2.18 19.80 8.92
C CYS A 334 -2.96 18.95 9.90
N GLY A 335 -2.50 17.74 10.16
CA GLY A 335 -3.11 16.90 11.18
C GLY A 335 -4.01 15.81 10.64
N GLU A 336 -4.36 15.88 9.36
CA GLU A 336 -5.24 14.88 8.78
C GLU A 336 -4.62 13.49 8.78
N ALA A 337 -3.36 13.38 8.35
CA ALA A 337 -2.77 12.05 8.14
C ALA A 337 -2.60 11.28 9.45
N ARG A 338 -2.98 10.01 9.45
N ARG A 338 -2.93 9.99 9.38
CA ARG A 338 -3.09 9.24 10.69
CA ARG A 338 -2.72 9.08 10.48
C ARG A 338 -1.74 8.88 11.32
C ARG A 338 -1.25 8.73 10.60
N VAL A 339 -1.18 7.79 10.80
N VAL A 339 -0.80 8.54 11.83
CA VAL A 339 0.10 7.19 11.20
CA VAL A 339 0.58 8.16 12.08
C VAL A 339 0.30 6.84 12.69
C VAL A 339 0.63 7.09 13.14
N THR A 340 1.30 5.98 12.87
CA THR A 340 1.50 5.07 13.96
C THR A 340 2.50 5.65 14.95
N PHE A 341 2.62 5.10 16.14
N PHE A 341 2.52 5.00 16.11
CA PHE A 341 3.61 5.72 17.02
CA PHE A 341 3.47 5.20 17.18
C PHE A 341 5.02 5.27 16.66
C PHE A 341 4.91 5.25 16.67
N SER A 342 5.14 4.34 15.73
N SER A 342 5.26 4.28 15.84
CA SER A 342 6.44 3.94 15.22
CA SER A 342 6.64 4.09 15.40
C SER A 342 7.08 5.07 14.42
C SER A 342 7.14 5.20 14.49
N MET A 343 6.24 5.88 13.78
CA MET A 343 6.73 6.94 12.90
C MET A 343 7.36 8.09 13.68
N ASP A 344 6.98 8.30 14.94
CA ASP A 344 7.58 9.37 15.77
C ASP A 344 9.09 9.32 15.71
N ALA A 345 9.64 8.15 16.02
CA ALA A 345 11.08 7.99 16.10
C ALA A 345 11.74 8.21 14.76
N PHE A 346 11.10 7.76 13.68
N PHE A 346 11.10 7.81 13.67
CA PHE A 346 11.68 7.97 12.35
CA PHE A 346 11.75 7.98 12.37
C PHE A 346 11.85 9.47 12.07
C PHE A 346 11.81 9.46 11.94
N VAL A 347 10.80 10.24 12.33
CA VAL A 347 10.85 11.68 12.08
C VAL A 347 11.87 12.32 13.04
N ARG A 348 11.80 11.94 14.32
CA ARG A 348 12.71 12.48 15.32
C ARG A 348 14.20 12.31 14.96
N ILE A 349 14.57 11.14 14.45
CA ILE A 349 15.96 10.86 14.13
C ILE A 349 16.35 11.33 12.72
N LEU A 350 15.50 11.04 11.73
CA LEU A 350 15.89 11.36 10.36
C LEU A 350 15.56 12.79 9.94
N GLN A 351 14.55 13.38 10.58
N GLN A 351 14.54 13.38 10.54
CA GLN A 351 14.10 14.73 10.22
CA GLN A 351 14.15 14.75 10.20
C GLN A 351 13.95 15.65 11.44
C GLN A 351 13.95 15.62 11.45
N PRO A 352 15.02 15.84 12.23
CA PRO A 352 14.88 16.62 13.46
C PRO A 352 14.36 18.04 13.27
N GLU A 353 14.65 18.70 12.14
CA GLU A 353 14.15 20.05 11.91
CA GLU A 353 14.14 20.05 11.96
C GLU A 353 12.62 20.03 11.84
N ARG A 354 12.09 19.02 11.17
CA ARG A 354 10.64 18.94 10.95
C ARG A 354 9.90 18.43 12.17
N TYR A 355 10.62 17.82 13.11
CA TYR A 355 9.99 17.05 14.17
C TYR A 355 8.97 17.85 14.99
N ASP A 356 9.36 19.03 15.47
CA ASP A 356 8.46 19.86 16.27
C ASP A 356 7.15 20.20 15.56
N LEU A 357 7.24 20.72 14.35
CA LEU A 357 6.04 21.08 13.58
C LEU A 357 5.17 19.87 13.25
N TRP A 358 5.81 18.74 12.94
CA TRP A 358 5.09 17.52 12.60
C TRP A 358 4.36 16.96 13.81
N LYS A 359 5.02 16.97 14.96
CA LYS A 359 4.45 16.38 16.17
C LYS A 359 3.26 17.19 16.66
N ARG A 360 3.24 18.48 16.32
CA ARG A 360 2.12 19.35 16.65
C ARG A 360 0.85 18.88 15.94
N GLY A 361 1.01 18.18 14.82
CA GLY A 361 -0.11 17.74 14.02
C GLY A 361 -0.60 16.33 14.29
N GLN A 362 0.13 15.58 15.11
CA GLN A 362 -0.26 14.21 15.44
CA GLN A 362 -0.28 14.22 15.43
C GLN A 362 -1.12 14.17 16.70
ZN ZN B . -2.29 17.14 5.77
NI NI C . 0.86 1.16 -0.04
C1 OGA D . 0.52 -1.59 0.05
C2 OGA D . -0.82 -1.03 -0.14
C4 OGA D . -3.22 -1.32 -0.18
C5 OGA D . -4.27 -2.41 -0.25
O1 OGA D . 1.47 -0.79 0.00
O2 OGA D . 0.67 -2.83 0.23
O2' OGA D . -0.92 0.16 -0.41
O3 OGA D . -3.90 -3.58 -0.47
N1 OGA D . -1.87 -1.83 0.00
O4 OGA D . -5.47 -2.07 -0.08
C1 EDO E . 12.41 -13.77 6.10
O1 EDO E . 13.42 -14.74 6.40
C2 EDO E . 11.18 -14.04 6.95
O2 EDO E . 10.54 -15.23 6.52
C1 EDO F . -6.54 4.01 -20.38
O1 EDO F . -5.12 4.16 -20.27
C2 EDO F . -6.92 2.59 -19.97
O2 EDO F . -7.57 2.61 -18.69
C1 EDO G . -4.59 -4.03 -15.76
O1 EDO G . -3.67 -4.93 -15.14
C2 EDO G . -5.98 -4.66 -15.86
O2 EDO G . -5.93 -5.83 -16.68
C1 EDO H . 0.72 -20.20 -1.12
O1 EDO H . 0.88 -20.65 -2.47
C2 EDO H . -0.43 -20.94 -0.46
O2 EDO H . -0.73 -20.40 0.83
C1 EDO I . -13.15 16.12 -5.49
O1 EDO I . -12.16 17.11 -5.18
C2 EDO I . -14.22 16.12 -4.41
O2 EDO I . -13.59 16.01 -3.13
C1 EDO J . 1.56 -1.61 4.16
O1 EDO J . 0.33 -1.40 3.44
C2 EDO J . 1.24 -1.71 5.64
O2 EDO J . 0.90 -0.39 6.09
S SO4 K . -20.72 -16.98 1.21
O1 SO4 K . -20.76 -15.97 0.15
O2 SO4 K . -21.41 -18.18 0.75
O3 SO4 K . -21.36 -16.47 2.41
O4 SO4 K . -19.33 -17.33 1.51
S SO4 L . -4.96 -24.33 8.53
O1 SO4 L . -5.78 -25.12 7.61
O2 SO4 L . -3.82 -23.77 7.82
O3 SO4 L . -5.78 -23.25 9.09
O4 SO4 L . -4.48 -25.18 9.62
S SO4 M . -20.95 -1.13 -18.76
O1 SO4 M . -20.85 0.11 -19.53
O2 SO4 M . -22.20 -1.79 -19.08
O3 SO4 M . -20.91 -0.84 -17.33
O4 SO4 M . -19.83 -1.99 -19.13
S SO4 N . -19.79 -1.88 -12.39
O1 SO4 N . -19.89 -2.86 -13.45
O2 SO4 N . -20.90 -0.94 -12.51
O3 SO4 N . -19.88 -2.55 -11.09
O4 SO4 N . -18.52 -1.17 -12.53
C7 LDP O . 5.80 17.60 -1.57
C1 LDP O . 4.39 17.22 -1.90
C4 LDP O . 1.76 16.50 -2.49
C2 LDP O . 3.78 16.14 -1.25
C6 LDP O . 3.65 17.93 -2.84
C5 LDP O . 2.35 17.58 -3.14
C3 LDP O . 2.48 15.78 -1.53
O1 LDP O . 1.85 14.74 -0.91
O2 LDP O . 0.47 16.14 -2.75
C8 LDP O . 5.90 18.56 -0.42
N1 LDP O . 5.15 19.83 -0.62
#